data_8HDF
#
_entry.id   8HDF
#
_cell.length_a   72.837
_cell.length_b   72.837
_cell.length_c   457.908
_cell.angle_alpha   90.00
_cell.angle_beta   90.00
_cell.angle_gamma   120.00
#
_symmetry.space_group_name_H-M   'P 61 2 2'
#
loop_
_entity.id
_entity.type
_entity.pdbx_description
1 polymer 'Long-chain-fatty-acid--AMP ligase FadD23'
2 non-polymer 'PALMITIC ACID'
3 non-polymer 'PHOSPHOAMINOPHOSPHONIC ACID-ADENYLATE ESTER'
4 water water
#
_entity_poly.entity_id   1
_entity_poly.type   'polypeptide(L)'
_entity_poly.pdbx_seq_one_letter_code
;MGSSHHHHHHSSGLVPRGSHMMVSLSIPSMLRQCVNLHPDGTAFTYIDYERDSEGISESLTWSQVYRRTLNVAAEVRRHA
AIGDRAVILAPQGLDYIVAFLGALQAGLIAVPLSAPLGGASDERVDAVVRDAKPNVVLTTSAIMGDVVPRVTPPPGIASP
PTVAVDQLDLDSPIRSNIVDDSLQTTAYLQYTSGSTRTPAGVMITYKNILANFQQMISAYFADTGAVPPLDLFIMSWLPF
YHDMGLVLGVCAPIIVGCGAVLTSPVAFLQRPARWLQLMAREGQAFSAAPNFAFELTAAKAIDDDLAGLDLGRIKTILCG
SERVHPATLKRFVDRFSRFNLREFAIRPAYGLAEATVYVATSQAGQPPEIRYFEPHELSAGQAKPCATGAGTALVSYPLP
QSPIVRIVDPNTNTECPPGTIGEIWVHGDNVAGGYWEKPDETERTFGGALVAPSAGTPVGPWLRTGDSGFVSEDKFFIIG
RIKDLLIVYGRNHSPDDIEATIQEITRGRCAAIAVPSNGVEKLVAIVELNNRGNLDTERLSFVTREVTSAISTSHGLSVS
DLVLVAPGSIPITTSGKVRRAECVKLYRHNEFTRLDAKPLQASDL
;
_entity_poly.pdbx_strand_id   A
#
loop_
_chem_comp.id
_chem_comp.type
_chem_comp.name
_chem_comp.formula
ANP non-polymer 'PHOSPHOAMINOPHOSPHONIC ACID-ADENYLATE ESTER' 'C10 H17 N6 O12 P3'
PLM non-polymer 'PALMITIC ACID' 'C16 H32 O2'
#
# COMPACT_ATOMS: atom_id res chain seq x y z
N LEU A 25 14.90 -13.27 -16.53
CA LEU A 25 14.43 -14.27 -15.55
C LEU A 25 14.24 -13.69 -14.12
N SER A 26 15.31 -13.22 -13.50
CA SER A 26 15.28 -12.73 -12.14
C SER A 26 15.65 -11.25 -12.12
N ILE A 27 15.48 -10.63 -10.95
CA ILE A 27 15.90 -9.24 -10.79
C ILE A 27 17.40 -9.07 -11.02
N PRO A 28 18.29 -9.90 -10.43
CA PRO A 28 19.72 -9.73 -10.72
C PRO A 28 20.06 -9.79 -12.20
N SER A 29 19.44 -10.70 -12.96
CA SER A 29 19.80 -10.78 -14.37
C SER A 29 19.19 -9.62 -15.17
N MET A 30 18.00 -9.15 -14.78
CA MET A 30 17.47 -7.95 -15.42
C MET A 30 18.30 -6.73 -15.09
N LEU A 31 18.82 -6.64 -13.85
CA LEU A 31 19.72 -5.53 -13.51
C LEU A 31 20.97 -5.54 -14.38
N ARG A 32 21.53 -6.72 -14.62
CA ARG A 32 22.72 -6.81 -15.47
C ARG A 32 22.40 -6.46 -16.91
N GLN A 33 21.18 -6.76 -17.37
CA GLN A 33 20.83 -6.37 -18.73
C GLN A 33 20.59 -4.86 -18.84
N CYS A 34 20.02 -4.22 -17.81
CA CYS A 34 20.02 -2.75 -17.76
C CYS A 34 21.41 -2.19 -17.97
N VAL A 35 22.40 -2.82 -17.35
CA VAL A 35 23.77 -2.33 -17.43
C VAL A 35 24.28 -2.48 -18.86
N ASN A 36 23.99 -3.61 -19.51
CA ASN A 36 24.48 -3.79 -20.88
C ASN A 36 23.86 -2.76 -21.83
N LEU A 37 22.56 -2.53 -21.71
CA LEU A 37 21.87 -1.65 -22.66
C LEU A 37 22.19 -0.18 -22.43
N HIS A 38 22.18 0.26 -21.17
CA HIS A 38 22.34 1.67 -20.82
C HIS A 38 23.24 1.79 -19.60
N PRO A 39 24.55 1.56 -19.76
CA PRO A 39 25.45 1.55 -18.59
C PRO A 39 25.44 2.87 -17.84
N ASP A 40 25.39 3.99 -18.55
CA ASP A 40 25.48 5.31 -17.94
C ASP A 40 24.14 6.00 -17.77
N GLY A 41 23.04 5.34 -18.15
CA GLY A 41 21.73 5.90 -17.87
C GLY A 41 21.48 6.01 -16.37
N THR A 42 20.79 7.07 -15.98
CA THR A 42 20.47 7.27 -14.57
C THR A 42 19.46 6.25 -14.09
N ALA A 43 19.73 5.62 -12.96
CA ALA A 43 18.88 4.55 -12.46
C ALA A 43 18.10 4.97 -11.21
N PHE A 44 18.80 5.40 -10.16
CA PHE A 44 18.22 5.75 -8.87
C PHE A 44 18.73 7.13 -8.49
N THR A 45 17.81 8.02 -8.16
CA THR A 45 18.18 9.32 -7.59
C THR A 45 17.42 9.46 -6.28
N TYR A 46 18.15 9.62 -5.19
CA TYR A 46 17.58 9.76 -3.85
C TYR A 46 17.69 11.23 -3.41
N ILE A 47 16.55 11.84 -3.09
CA ILE A 47 16.48 13.22 -2.59
C ILE A 47 16.39 13.15 -1.07
N ASP A 48 17.47 13.51 -0.38
CA ASP A 48 17.48 13.55 1.08
C ASP A 48 17.12 14.95 1.60
N TYR A 49 16.15 15.00 2.51
CA TYR A 49 15.70 16.26 3.11
C TYR A 49 16.08 16.41 4.56
N GLU A 50 16.99 15.59 5.08
CA GLU A 50 17.15 15.58 6.53
C GLU A 50 18.03 16.70 7.03
N ARG A 51 19.08 17.05 6.28
CA ARG A 51 19.91 18.19 6.63
C ARG A 51 19.44 19.47 5.95
N ASP A 52 19.30 19.43 4.64
CA ASP A 52 18.81 20.57 3.87
C ASP A 52 17.35 20.36 3.52
N SER A 53 16.47 21.18 4.13
CA SER A 53 15.04 21.06 3.90
C SER A 53 14.63 21.36 2.46
N GLU A 54 15.55 21.78 1.60
CA GLU A 54 15.27 21.94 0.18
C GLU A 54 15.66 20.71 -0.62
N GLY A 55 16.45 19.80 -0.03
CA GLY A 55 16.77 18.54 -0.67
C GLY A 55 18.18 18.47 -1.20
N ILE A 56 18.85 17.36 -0.94
CA ILE A 56 20.18 17.05 -1.48
C ILE A 56 20.05 15.77 -2.31
N SER A 57 20.41 15.87 -3.58
CA SER A 57 20.23 14.79 -4.54
C SER A 57 21.53 14.01 -4.69
N GLU A 58 21.40 12.69 -4.77
CA GLU A 58 22.50 11.78 -5.05
C GLU A 58 21.98 10.71 -6.01
N SER A 59 22.77 10.35 -7.00
CA SER A 59 22.25 9.51 -8.07
C SER A 59 23.25 8.45 -8.51
N LEU A 60 22.70 7.33 -8.98
CA LEU A 60 23.47 6.19 -9.44
C LEU A 60 23.01 5.86 -10.85
N THR A 61 23.97 5.74 -11.76
CA THR A 61 23.67 5.12 -13.05
C THR A 61 23.45 3.61 -12.87
N TRP A 62 23.08 2.95 -13.96
CA TRP A 62 22.92 1.50 -13.89
C TRP A 62 24.23 0.83 -13.53
N SER A 63 25.32 1.24 -14.19
CA SER A 63 26.65 0.74 -13.87
C SER A 63 26.98 0.92 -12.39
N GLN A 64 26.69 2.10 -11.85
CA GLN A 64 27.11 2.39 -10.48
C GLN A 64 26.31 1.58 -9.48
N VAL A 65 25.00 1.45 -9.69
CA VAL A 65 24.23 0.64 -8.75
C VAL A 65 24.61 -0.82 -8.88
N TYR A 66 25.03 -1.25 -10.07
CA TYR A 66 25.44 -2.65 -10.26
C TYR A 66 26.75 -2.92 -9.53
N ARG A 67 27.71 -1.99 -9.64
CA ARG A 67 28.96 -2.12 -8.90
C ARG A 67 28.71 -2.26 -7.41
N ARG A 68 27.93 -1.35 -6.82
CA ARG A 68 27.64 -1.43 -5.39
C ARG A 68 26.93 -2.74 -5.05
N THR A 69 25.96 -3.14 -5.86
CA THR A 69 25.29 -4.42 -5.69
C THR A 69 26.30 -5.56 -5.63
N LEU A 70 27.28 -5.55 -6.52
CA LEU A 70 28.22 -6.66 -6.58
C LEU A 70 29.13 -6.64 -5.35
N ASN A 71 29.54 -5.46 -4.90
CA ASN A 71 30.35 -5.38 -3.69
C ASN A 71 29.57 -5.84 -2.48
N VAL A 72 28.31 -5.42 -2.35
CA VAL A 72 27.46 -5.93 -1.27
C VAL A 72 27.35 -7.44 -1.35
N ALA A 73 27.17 -7.98 -2.56
CA ALA A 73 27.05 -9.41 -2.75
C ALA A 73 28.26 -10.15 -2.18
N ALA A 74 29.46 -9.62 -2.44
CA ALA A 74 30.66 -10.29 -1.98
C ALA A 74 30.78 -10.26 -0.46
N GLU A 75 30.42 -9.14 0.17
CA GLU A 75 30.48 -9.07 1.63
C GLU A 75 29.52 -10.06 2.25
N VAL A 76 28.37 -10.23 1.62
CA VAL A 76 27.35 -11.11 2.16
C VAL A 76 27.70 -12.59 1.96
N ARG A 77 28.41 -12.94 0.88
CA ARG A 77 28.82 -14.33 0.67
C ARG A 77 29.80 -14.83 1.72
N ARG A 78 30.36 -13.93 2.53
CA ARG A 78 31.29 -14.32 3.58
C ARG A 78 30.58 -14.81 4.83
N HIS A 79 29.32 -14.43 5.00
CA HIS A 79 28.56 -14.70 6.21
C HIS A 79 27.42 -15.67 6.00
N ALA A 80 27.02 -15.93 4.76
CA ALA A 80 25.76 -16.64 4.51
C ALA A 80 25.84 -17.38 3.19
N ALA A 81 25.06 -18.45 3.09
CA ALA A 81 25.04 -19.31 1.93
C ALA A 81 23.76 -19.09 1.12
N ILE A 82 23.82 -19.51 -0.15
CA ILE A 82 22.65 -19.51 -1.02
C ILE A 82 21.47 -20.12 -0.29
N GLY A 83 20.34 -19.42 -0.31
CA GLY A 83 19.17 -19.87 0.40
C GLY A 83 18.97 -19.28 1.79
N ASP A 84 20.00 -18.71 2.40
CA ASP A 84 19.83 -18.06 3.68
C ASP A 84 19.02 -16.77 3.54
N ARG A 85 18.41 -16.34 4.64
CA ARG A 85 17.76 -15.05 4.65
C ARG A 85 18.74 -13.95 5.01
N ALA A 86 18.50 -12.76 4.47
CA ALA A 86 19.25 -11.56 4.81
C ALA A 86 18.24 -10.49 5.17
N VAL A 87 18.24 -10.09 6.44
CA VAL A 87 17.37 -9.03 6.92
C VAL A 87 18.01 -7.69 6.57
N ILE A 88 17.19 -6.75 6.10
CA ILE A 88 17.64 -5.41 5.77
C ILE A 88 17.02 -4.46 6.78
N LEU A 89 17.88 -3.80 7.56
CA LEU A 89 17.48 -2.92 8.65
C LEU A 89 18.22 -1.61 8.46
N ALA A 90 17.88 -0.90 7.39
CA ALA A 90 18.53 0.36 7.04
C ALA A 90 17.46 1.42 6.91
N PRO A 91 17.84 2.70 7.01
CA PRO A 91 16.88 3.76 6.71
C PRO A 91 16.65 3.84 5.20
N GLN A 92 15.59 4.55 4.83
CA GLN A 92 15.37 4.78 3.41
C GLN A 92 16.57 5.48 2.79
N GLY A 93 16.95 5.04 1.60
CA GLY A 93 18.05 5.66 0.89
C GLY A 93 18.72 4.64 -0.01
N LEU A 94 19.86 5.06 -0.57
CA LEU A 94 20.54 4.30 -1.60
C LEU A 94 21.17 3.02 -1.04
N ASP A 95 21.59 3.03 0.22
CA ASP A 95 22.23 1.84 0.77
C ASP A 95 21.21 0.72 0.96
N TYR A 96 19.98 1.08 1.34
CA TYR A 96 18.91 0.11 1.42
C TYR A 96 18.76 -0.61 0.10
N ILE A 97 18.85 0.14 -1.00
CA ILE A 97 18.55 -0.44 -2.31
C ILE A 97 19.62 -1.46 -2.68
N VAL A 98 20.89 -1.13 -2.45
CA VAL A 98 21.96 -2.06 -2.80
C VAL A 98 22.13 -3.15 -1.76
N ALA A 99 21.66 -2.94 -0.52
CA ALA A 99 21.56 -4.06 0.40
C ALA A 99 20.57 -5.10 -0.12
N PHE A 100 19.36 -4.67 -0.44
CA PHE A 100 18.37 -5.60 -0.97
C PHE A 100 18.84 -6.23 -2.28
N LEU A 101 19.31 -5.40 -3.23
CA LEU A 101 19.77 -5.93 -4.51
C LEU A 101 20.97 -6.84 -4.34
N GLY A 102 21.87 -6.48 -3.43
CA GLY A 102 23.05 -7.31 -3.22
C GLY A 102 22.71 -8.65 -2.61
N ALA A 103 21.72 -8.69 -1.71
CA ALA A 103 21.29 -9.97 -1.17
C ALA A 103 20.77 -10.86 -2.29
N LEU A 104 19.90 -10.32 -3.16
CA LEU A 104 19.39 -11.13 -4.26
C LEU A 104 20.53 -11.64 -5.14
N GLN A 105 21.51 -10.78 -5.40
CA GLN A 105 22.63 -11.13 -6.27
C GLN A 105 23.38 -12.34 -5.74
N ALA A 106 23.52 -12.43 -4.42
CA ALA A 106 24.23 -13.53 -3.78
C ALA A 106 23.35 -14.76 -3.53
N GLY A 107 22.15 -14.79 -4.09
CA GLY A 107 21.26 -15.92 -3.89
C GLY A 107 20.63 -16.03 -2.53
N LEU A 108 20.51 -14.93 -1.79
CA LEU A 108 19.83 -14.94 -0.51
C LEU A 108 18.38 -14.49 -0.64
N ILE A 109 17.54 -14.95 0.29
CA ILE A 109 16.17 -14.50 0.39
C ILE A 109 16.18 -13.22 1.21
N ALA A 110 15.97 -12.07 0.54
CA ALA A 110 15.98 -10.79 1.24
C ALA A 110 14.75 -10.65 2.14
N VAL A 111 14.94 -9.95 3.26
CA VAL A 111 13.85 -9.67 4.19
C VAL A 111 13.82 -8.17 4.49
N PRO A 112 13.14 -7.36 3.69
CA PRO A 112 13.13 -5.90 3.93
C PRO A 112 12.33 -5.56 5.18
N LEU A 113 13.01 -4.95 6.15
CA LEU A 113 12.43 -4.43 7.38
C LEU A 113 12.74 -2.94 7.51
N SER A 114 12.14 -2.31 8.52
CA SER A 114 12.32 -0.88 8.78
C SER A 114 13.52 -0.68 9.70
N ALA A 115 13.99 0.54 9.75
CA ALA A 115 15.04 0.78 10.73
C ALA A 115 14.42 0.97 12.12
N PRO A 116 15.08 0.47 13.19
CA PRO A 116 14.52 0.63 14.54
C PRO A 116 14.49 2.08 15.02
N ASP A 122 11.92 -1.81 16.82
CA ASP A 122 10.65 -2.15 17.45
C ASP A 122 10.61 -3.60 17.89
N GLU A 123 9.44 -4.03 18.36
CA GLU A 123 9.29 -5.43 18.83
C GLU A 123 9.00 -6.29 17.61
N ARG A 124 8.22 -5.76 16.68
CA ARG A 124 7.96 -6.51 15.43
C ARG A 124 9.31 -6.90 14.83
N VAL A 125 10.20 -5.93 14.68
CA VAL A 125 11.49 -6.23 14.02
C VAL A 125 12.06 -7.48 14.66
N ASP A 126 11.96 -7.58 15.97
CA ASP A 126 12.64 -8.70 16.68
C ASP A 126 11.92 -10.00 16.35
N ALA A 127 10.59 -9.94 16.29
CA ALA A 127 9.86 -11.19 16.00
C ALA A 127 10.02 -11.62 14.53
N VAL A 128 10.22 -10.67 13.62
CA VAL A 128 10.50 -11.04 12.23
C VAL A 128 11.86 -11.74 12.14
N VAL A 129 12.84 -11.26 12.89
CA VAL A 129 14.18 -11.86 12.86
C VAL A 129 14.13 -13.28 13.38
N ARG A 130 13.33 -13.52 14.43
CA ARG A 130 13.21 -14.88 14.97
C ARG A 130 12.49 -15.80 13.99
N ASP A 131 11.48 -15.27 13.29
CA ASP A 131 10.77 -16.08 12.31
C ASP A 131 11.65 -16.40 11.11
N ALA A 132 12.40 -15.40 10.61
CA ALA A 132 13.17 -15.56 9.38
C ALA A 132 14.53 -16.22 9.60
N LYS A 133 15.02 -16.21 10.84
CA LYS A 133 16.33 -16.74 11.23
C LYS A 133 17.44 -16.39 10.23
N PRO A 134 17.73 -15.10 10.04
CA PRO A 134 18.68 -14.71 9.00
C PRO A 134 20.11 -15.06 9.37
N ASN A 135 20.90 -15.41 8.36
CA ASN A 135 22.33 -15.62 8.54
C ASN A 135 23.16 -14.36 8.33
N VAL A 136 22.54 -13.23 7.97
CA VAL A 136 23.25 -11.96 7.92
C VAL A 136 22.22 -10.84 8.06
N VAL A 137 22.67 -9.72 8.61
CA VAL A 137 21.88 -8.50 8.72
C VAL A 137 22.62 -7.42 7.94
N LEU A 138 21.88 -6.68 7.12
CA LEU A 138 22.42 -5.57 6.35
C LEU A 138 21.90 -4.28 6.94
N THR A 139 22.81 -3.42 7.40
CA THR A 139 22.42 -2.22 8.10
C THR A 139 23.40 -1.10 7.74
N THR A 140 23.28 0.05 8.43
CA THR A 140 24.19 1.17 8.27
C THR A 140 24.75 1.57 9.63
N SER A 141 25.94 2.21 9.60
CA SER A 141 26.65 2.54 10.83
C SER A 141 25.79 3.39 11.77
N ALA A 142 25.01 4.32 11.22
CA ALA A 142 24.16 5.20 12.00
C ALA A 142 23.14 4.46 12.87
N ILE A 143 22.97 3.14 12.69
CA ILE A 143 22.14 2.33 13.59
C ILE A 143 22.83 0.98 13.78
N MET A 144 23.66 0.88 14.81
CA MET A 144 24.57 -0.27 14.96
C MET A 144 25.42 -0.44 13.70
N SER A 159 23.42 -12.52 17.58
CA SER A 159 24.02 -13.75 17.06
C SER A 159 24.48 -13.67 15.57
N PRO A 160 23.59 -13.28 14.64
CA PRO A 160 23.98 -13.28 13.19
C PRO A 160 24.85 -12.09 12.85
N PRO A 161 25.78 -12.25 11.90
CA PRO A 161 26.69 -11.15 11.57
C PRO A 161 25.94 -9.96 10.99
N THR A 162 26.18 -8.80 11.59
CA THR A 162 25.64 -7.52 11.17
C THR A 162 26.66 -6.85 10.24
N VAL A 163 26.17 -6.34 9.11
CA VAL A 163 27.00 -5.67 8.13
C VAL A 163 26.49 -4.25 7.97
N ALA A 164 27.41 -3.27 8.03
CA ALA A 164 27.12 -1.86 7.80
C ALA A 164 27.56 -1.51 6.39
N VAL A 165 26.60 -1.47 5.45
CA VAL A 165 27.00 -1.43 4.04
C VAL A 165 27.53 -0.06 3.64
N ASP A 166 27.21 1.01 4.38
CA ASP A 166 27.79 2.31 4.04
C ASP A 166 29.28 2.35 4.36
N GLN A 167 29.75 1.52 5.27
CA GLN A 167 31.17 1.44 5.61
C GLN A 167 31.91 0.44 4.75
N LEU A 168 31.21 -0.27 3.87
CA LEU A 168 31.87 -1.05 2.86
C LEU A 168 32.35 -0.14 1.74
N ASP A 169 33.38 -0.59 1.03
CA ASP A 169 33.90 0.16 -0.11
C ASP A 169 33.05 -0.17 -1.33
N LEU A 170 31.88 0.48 -1.41
CA LEU A 170 30.85 0.06 -2.36
C LEU A 170 31.22 0.36 -3.81
N ASP A 171 32.03 1.39 -4.05
CA ASP A 171 32.36 1.77 -5.42
C ASP A 171 33.72 1.23 -5.86
N SER A 172 34.33 0.35 -5.07
CA SER A 172 35.52 -0.35 -5.52
C SER A 172 35.21 -1.12 -6.80
N PRO A 173 36.03 -1.03 -7.85
CA PRO A 173 35.75 -1.78 -9.07
C PRO A 173 35.96 -3.28 -8.90
N ILE A 174 35.71 -4.04 -9.96
CA ILE A 174 35.70 -5.49 -9.88
C ILE A 174 36.95 -6.10 -10.53
N ASP A 181 25.73 -17.58 -6.99
CA ASP A 181 24.89 -16.58 -7.67
C ASP A 181 23.41 -16.73 -7.28
N SER A 182 22.54 -16.08 -8.02
CA SER A 182 21.17 -15.84 -7.60
C SER A 182 20.30 -17.08 -7.72
N LEU A 183 19.16 -17.04 -7.04
CA LEU A 183 18.11 -18.05 -7.22
C LEU A 183 17.19 -17.65 -8.37
N GLN A 184 16.47 -18.64 -8.88
CA GLN A 184 15.45 -18.43 -9.89
C GLN A 184 14.05 -18.47 -9.30
N THR A 185 13.93 -18.70 -7.98
CA THR A 185 12.65 -18.97 -7.35
C THR A 185 12.39 -17.88 -6.33
N THR A 186 12.63 -18.13 -5.04
CA THR A 186 12.26 -17.20 -3.98
C THR A 186 13.21 -16.02 -3.92
N ALA A 187 12.66 -14.81 -4.05
CA ALA A 187 13.45 -13.59 -4.01
C ALA A 187 13.50 -13.00 -2.61
N TYR A 188 12.34 -12.80 -1.98
CA TYR A 188 12.34 -12.10 -0.71
C TYR A 188 11.08 -12.49 0.04
N LEU A 189 11.08 -12.20 1.34
CA LEU A 189 9.91 -12.37 2.20
C LEU A 189 9.33 -11.00 2.52
N GLN A 190 8.03 -10.85 2.27
CA GLN A 190 7.32 -9.60 2.54
C GLN A 190 6.53 -9.81 3.82
N TYR A 191 7.05 -9.32 4.93
CA TYR A 191 6.37 -9.48 6.20
C TYR A 191 5.22 -8.49 6.35
N THR A 192 4.10 -9.01 6.86
CA THR A 192 2.92 -8.25 7.27
C THR A 192 3.28 -7.17 8.29
N THR A 198 0.69 -12.35 14.79
CA THR A 198 2.03 -12.94 14.71
C THR A 198 2.57 -12.67 13.30
N PRO A 199 3.87 -12.42 13.16
CA PRO A 199 4.42 -12.01 11.85
C PRO A 199 4.48 -13.18 10.87
N ALA A 200 3.97 -12.97 9.67
CA ALA A 200 4.03 -13.97 8.60
C ALA A 200 4.67 -13.36 7.35
N GLY A 201 5.70 -14.03 6.84
CA GLY A 201 6.42 -13.51 5.68
C GLY A 201 5.95 -14.10 4.36
N VAL A 202 5.33 -13.27 3.53
CA VAL A 202 4.91 -13.74 2.22
C VAL A 202 6.14 -14.10 1.40
N MET A 203 6.19 -15.34 0.91
CA MET A 203 7.22 -15.74 -0.03
C MET A 203 6.90 -15.18 -1.42
N ILE A 204 7.78 -14.34 -1.93
CA ILE A 204 7.62 -13.76 -3.26
C ILE A 204 8.69 -14.34 -4.17
N THR A 205 8.26 -15.02 -5.24
CA THR A 205 9.20 -15.56 -6.21
C THR A 205 9.42 -14.60 -7.37
N TYR A 206 10.47 -14.86 -8.15
CA TYR A 206 10.64 -14.07 -9.37
C TYR A 206 9.46 -14.28 -10.31
N LYS A 207 8.91 -15.49 -10.34
CA LYS A 207 7.72 -15.73 -11.14
C LYS A 207 6.55 -14.89 -10.68
N ASN A 208 6.33 -14.80 -9.36
CA ASN A 208 5.29 -13.91 -8.84
C ASN A 208 5.52 -12.51 -9.37
N ILE A 209 6.75 -12.02 -9.24
CA ILE A 209 7.07 -10.63 -9.58
C ILE A 209 6.83 -10.36 -11.06
N LEU A 210 7.42 -11.22 -11.91
CA LEU A 210 7.27 -11.08 -13.35
C LEU A 210 5.81 -11.14 -13.76
N ALA A 211 5.04 -12.00 -13.15
CA ALA A 211 3.63 -12.12 -13.55
C ALA A 211 2.84 -10.85 -13.19
N ASN A 212 3.08 -10.28 -12.02
CA ASN A 212 2.31 -9.09 -11.55
C ASN A 212 2.70 -7.90 -12.43
N PHE A 213 3.96 -7.85 -12.82
CA PHE A 213 4.45 -6.73 -13.67
C PHE A 213 3.83 -6.88 -15.05
N GLN A 214 3.66 -8.10 -15.56
CA GLN A 214 2.98 -8.26 -16.87
C GLN A 214 1.53 -7.82 -16.71
N GLN A 215 0.91 -8.22 -15.61
CA GLN A 215 -0.48 -7.82 -15.34
C GLN A 215 -0.56 -6.31 -15.16
N MET A 216 0.40 -5.74 -14.45
CA MET A 216 0.39 -4.30 -14.18
C MET A 216 0.68 -3.49 -15.43
N ILE A 217 1.70 -3.90 -16.19
CA ILE A 217 2.03 -3.12 -17.37
C ILE A 217 0.89 -3.22 -18.38
N SER A 218 0.25 -4.38 -18.45
CA SER A 218 -0.87 -4.52 -19.39
C SER A 218 -2.05 -3.67 -18.98
N ALA A 219 -2.37 -3.62 -17.68
CA ALA A 219 -3.56 -2.88 -17.27
C ALA A 219 -3.30 -1.38 -17.23
N TYR A 220 -2.13 -0.96 -16.71
CA TYR A 220 -1.82 0.48 -16.57
C TYR A 220 -1.60 1.14 -17.91
N PHE A 221 -1.00 0.43 -18.87
CA PHE A 221 -0.67 1.02 -20.16
C PHE A 221 -1.48 0.38 -21.27
N ALA A 222 -2.71 -0.05 -20.96
CA ALA A 222 -3.54 -0.69 -21.97
C ALA A 222 -3.80 0.24 -23.16
N ASP A 223 -3.89 1.56 -22.92
CA ASP A 223 -4.21 2.48 -24.00
C ASP A 223 -3.03 2.75 -24.92
N THR A 224 -1.82 2.42 -24.49
CA THR A 224 -0.64 2.47 -25.34
C THR A 224 -0.08 1.07 -25.59
N GLY A 225 -0.97 0.09 -25.73
CA GLY A 225 -0.56 -1.24 -26.11
C GLY A 225 0.40 -1.92 -25.15
N ALA A 226 0.26 -1.67 -23.85
CA ALA A 226 1.11 -2.26 -22.81
C ALA A 226 2.57 -1.80 -22.95
N VAL A 227 2.82 -0.64 -23.52
CA VAL A 227 4.17 -0.10 -23.62
C VAL A 227 4.24 1.21 -22.85
N PRO A 228 5.10 1.31 -21.84
CA PRO A 228 5.24 2.59 -21.13
C PRO A 228 5.94 3.63 -22.00
N PRO A 229 5.67 4.92 -21.79
CA PRO A 229 6.32 5.96 -22.60
C PRO A 229 7.83 5.98 -22.44
N LEU A 230 8.50 6.47 -23.48
CA LEU A 230 9.96 6.53 -23.52
C LEU A 230 10.56 7.28 -22.33
N ASP A 231 9.89 8.33 -21.87
CA ASP A 231 10.41 9.21 -20.82
C ASP A 231 9.68 9.00 -19.51
N LEU A 232 9.14 7.81 -19.30
CA LEU A 232 8.63 7.46 -17.99
C LEU A 232 9.74 7.55 -16.94
N PHE A 233 9.38 8.03 -15.76
CA PHE A 233 10.23 7.85 -14.60
C PHE A 233 9.34 7.52 -13.43
N ILE A 234 9.89 6.82 -12.46
CA ILE A 234 9.20 6.44 -11.24
C ILE A 234 9.52 7.46 -10.17
N MET A 235 8.52 7.83 -9.37
CA MET A 235 8.72 8.77 -8.27
C MET A 235 7.98 8.20 -7.08
N SER A 236 8.70 7.97 -5.98
CA SER A 236 8.03 7.39 -4.83
C SER A 236 8.67 7.91 -3.56
N TRP A 237 7.83 8.15 -2.55
CA TRP A 237 8.31 8.41 -1.20
C TRP A 237 7.91 7.29 -0.26
N LEU A 238 7.32 6.21 -0.79
CA LEU A 238 6.79 5.14 0.05
C LEU A 238 7.95 4.34 0.65
N PRO A 239 7.77 3.83 1.87
CA PRO A 239 8.88 3.15 2.53
C PRO A 239 9.17 1.82 1.84
N PHE A 240 10.47 1.49 1.75
CA PHE A 240 10.90 0.31 0.99
C PHE A 240 10.53 -1.01 1.66
N TYR A 241 10.13 -0.99 2.94
CA TYR A 241 9.79 -2.21 3.67
C TYR A 241 8.30 -2.50 3.64
N HIS A 242 7.52 -1.72 2.89
CA HIS A 242 6.14 -2.04 2.57
C HIS A 242 6.08 -2.47 1.09
N ASP A 243 5.12 -3.34 0.76
CA ASP A 243 5.10 -3.96 -0.57
C ASP A 243 5.00 -2.92 -1.69
N MET A 244 4.07 -1.97 -1.57
CA MET A 244 3.95 -0.89 -2.56
C MET A 244 5.29 -0.21 -2.77
N GLY A 245 5.96 0.19 -1.68
CA GLY A 245 7.19 0.96 -1.81
C GLY A 245 8.35 0.16 -2.33
N LEU A 246 8.41 -1.13 -2.01
CA LEU A 246 9.50 -1.96 -2.50
C LEU A 246 9.33 -2.26 -3.98
N VAL A 247 8.13 -2.68 -4.37
CA VAL A 247 7.89 -3.03 -5.78
C VAL A 247 8.04 -1.79 -6.66
N LEU A 248 7.46 -0.66 -6.26
CA LEU A 248 7.55 0.55 -7.07
C LEU A 248 8.95 1.14 -7.05
N GLY A 249 9.51 1.35 -5.87
CA GLY A 249 10.74 2.11 -5.76
C GLY A 249 12.02 1.37 -6.10
N VAL A 250 12.11 0.09 -5.75
CA VAL A 250 13.36 -0.66 -5.90
C VAL A 250 13.33 -1.62 -7.07
N CYS A 251 12.24 -2.39 -7.25
CA CYS A 251 12.18 -3.44 -8.27
C CYS A 251 11.78 -2.88 -9.65
N ALA A 252 10.74 -2.05 -9.67
CA ALA A 252 10.20 -1.56 -10.94
C ALA A 252 11.21 -0.84 -11.79
N PRO A 253 12.14 -0.02 -11.25
CA PRO A 253 13.10 0.64 -12.15
C PRO A 253 13.91 -0.34 -12.97
N ILE A 254 14.25 -1.48 -12.37
CA ILE A 254 15.01 -2.52 -13.06
C ILE A 254 14.12 -3.29 -14.04
N ILE A 255 12.91 -3.64 -13.64
CA ILE A 255 12.09 -4.52 -14.46
C ILE A 255 11.54 -3.75 -15.67
N VAL A 256 11.17 -2.49 -15.46
CA VAL A 256 10.57 -1.66 -16.55
C VAL A 256 11.68 -1.04 -17.39
N GLY A 257 12.85 -0.79 -16.81
CA GLY A 257 13.97 -0.16 -17.52
C GLY A 257 13.88 1.35 -17.47
N CYS A 258 13.43 1.88 -16.35
CA CYS A 258 13.26 3.34 -16.19
C CYS A 258 13.99 3.83 -14.95
N GLY A 259 14.03 5.13 -14.78
CA GLY A 259 14.73 5.72 -13.65
C GLY A 259 13.79 6.03 -12.52
N ALA A 260 14.34 6.13 -11.33
CA ALA A 260 13.52 6.38 -10.15
C ALA A 260 13.99 7.62 -9.41
N VAL A 261 13.03 8.45 -9.00
CA VAL A 261 13.28 9.59 -8.11
C VAL A 261 12.61 9.25 -6.80
N LEU A 262 13.39 9.17 -5.73
CA LEU A 262 12.96 8.58 -4.48
C LEU A 262 13.30 9.50 -3.32
N THR A 263 12.44 9.49 -2.30
CA THR A 263 12.74 10.11 -1.01
C THR A 263 12.03 9.30 0.07
N SER A 264 11.99 9.87 1.37
CA SER A 264 11.48 9.14 2.52
C SER A 264 10.03 9.51 2.79
N PRO A 265 9.27 8.60 3.40
CA PRO A 265 7.95 9.01 3.92
C PRO A 265 8.06 10.13 4.95
N VAL A 266 9.16 10.23 5.70
CA VAL A 266 9.25 11.31 6.66
C VAL A 266 9.31 12.66 5.94
N ALA A 267 10.05 12.72 4.83
CA ALA A 267 10.14 13.96 4.07
C ALA A 267 8.77 14.35 3.51
N PHE A 268 8.00 13.36 3.03
CA PHE A 268 6.70 13.66 2.44
C PHE A 268 5.74 14.21 3.50
N LEU A 269 5.73 13.63 4.70
CA LEU A 269 4.80 14.08 5.73
C LEU A 269 5.16 15.47 6.25
N GLN A 270 6.45 15.83 6.25
CA GLN A 270 6.85 17.19 6.59
C GLN A 270 6.23 18.20 5.63
N ARG A 271 6.53 18.07 4.34
CA ARG A 271 6.06 19.00 3.31
C ARG A 271 5.46 18.16 2.20
N PRO A 272 4.17 17.83 2.28
CA PRO A 272 3.54 17.06 1.19
C PRO A 272 3.68 17.67 -0.18
N ALA A 273 4.06 18.95 -0.30
CA ALA A 273 4.26 19.53 -1.62
C ALA A 273 5.45 18.92 -2.37
N ARG A 274 6.43 18.38 -1.63
CA ARG A 274 7.59 17.79 -2.27
C ARG A 274 7.19 16.66 -3.22
N TRP A 275 6.10 15.96 -2.90
CA TRP A 275 5.56 14.92 -3.76
C TRP A 275 5.21 15.48 -5.13
N LEU A 276 4.38 16.53 -5.16
CA LEU A 276 4.04 17.18 -6.42
C LEU A 276 5.28 17.73 -7.11
N GLN A 277 6.18 18.36 -6.34
CA GLN A 277 7.37 18.95 -6.93
C GLN A 277 8.21 17.90 -7.67
N LEU A 278 8.47 16.76 -7.02
CA LEU A 278 9.35 15.77 -7.62
C LEU A 278 8.64 15.03 -8.76
N MET A 279 7.33 14.85 -8.67
CA MET A 279 6.62 14.26 -9.79
C MET A 279 6.64 15.18 -11.01
N ALA A 280 6.77 16.49 -10.81
CA ALA A 280 6.77 17.41 -11.93
C ALA A 280 8.13 17.52 -12.61
N ARG A 281 9.10 16.70 -12.21
CA ARG A 281 10.39 16.74 -12.88
C ARG A 281 10.25 16.24 -14.32
N GLU A 282 11.33 16.42 -15.08
CA GLU A 282 11.33 16.15 -16.51
C GLU A 282 10.93 14.70 -16.80
N GLY A 283 9.92 14.53 -17.64
CA GLY A 283 9.43 13.24 -18.06
C GLY A 283 8.00 13.02 -17.60
N GLN A 284 7.55 11.77 -17.69
CA GLN A 284 6.18 11.41 -17.34
C GLN A 284 6.24 10.55 -16.08
N ALA A 285 5.81 11.13 -14.96
CA ALA A 285 6.00 10.51 -13.65
C ALA A 285 5.00 9.39 -13.43
N PHE A 286 5.46 8.32 -12.79
CA PHE A 286 4.62 7.23 -12.32
C PHE A 286 4.82 7.11 -10.81
N SER A 287 3.75 7.27 -10.04
CA SER A 287 3.83 7.27 -8.59
C SER A 287 2.62 6.52 -8.01
N ALA A 288 2.57 6.46 -6.68
CA ALA A 288 1.59 5.71 -5.92
C ALA A 288 1.52 6.29 -4.52
N ALA A 289 0.35 6.15 -3.87
CA ALA A 289 0.19 6.61 -2.49
C ALA A 289 -1.14 6.12 -1.93
N PRO A 290 -1.24 5.96 -0.61
CA PRO A 290 -2.54 5.73 0.02
C PRO A 290 -3.49 6.91 -0.18
N ASN A 291 -4.77 6.62 0.05
CA ASN A 291 -5.82 7.63 -0.10
C ASN A 291 -5.55 8.88 0.74
N PHE A 292 -5.23 8.71 2.00
CA PHE A 292 -5.15 9.91 2.79
C PHE A 292 -3.92 10.75 2.44
N ALA A 293 -2.91 10.16 1.77
CA ALA A 293 -1.82 10.98 1.27
C ALA A 293 -2.33 11.93 0.19
N PHE A 294 -3.33 11.51 -0.58
CA PHE A 294 -4.03 12.45 -1.43
C PHE A 294 -4.71 13.54 -0.60
N GLU A 295 -5.32 13.17 0.53
CA GLU A 295 -5.99 14.14 1.40
C GLU A 295 -5.02 15.18 1.91
N LEU A 296 -3.94 14.68 2.54
CA LEU A 296 -2.92 15.53 3.12
C LEU A 296 -2.38 16.52 2.10
N THR A 297 -1.97 16.02 0.93
CA THR A 297 -1.42 16.91 -0.10
C THR A 297 -2.42 17.98 -0.50
N ALA A 298 -3.69 17.60 -0.65
CA ALA A 298 -4.70 18.60 -0.96
C ALA A 298 -4.84 19.63 0.16
N ALA A 299 -4.62 19.22 1.41
CA ALA A 299 -4.87 20.13 2.52
C ALA A 299 -3.68 21.02 2.84
N LYS A 300 -2.46 20.47 2.79
CA LYS A 300 -1.29 21.14 3.31
C LYS A 300 -0.44 21.85 2.27
N ALA A 301 -0.56 21.51 0.99
CA ALA A 301 0.29 22.15 -0.01
C ALA A 301 -0.10 23.60 -0.20
N ILE A 302 0.90 24.47 -0.38
CA ILE A 302 0.70 25.90 -0.57
C ILE A 302 1.02 26.25 -2.01
N ASP A 303 0.23 27.15 -2.60
CA ASP A 303 0.35 27.42 -4.03
C ASP A 303 1.70 28.01 -4.39
N ASP A 304 2.37 28.68 -3.45
CA ASP A 304 3.68 29.24 -3.77
C ASP A 304 4.77 28.18 -3.79
N ASP A 305 4.58 27.09 -3.02
CA ASP A 305 5.42 25.91 -3.22
C ASP A 305 5.27 25.34 -4.62
N LEU A 306 4.09 25.52 -5.22
CA LEU A 306 3.78 25.02 -6.56
C LEU A 306 3.93 26.10 -7.62
N ALA A 307 4.83 27.05 -7.41
CA ALA A 307 5.09 28.12 -8.35
C ALA A 307 5.52 27.60 -9.71
N GLY A 308 4.65 27.74 -10.72
CA GLY A 308 5.00 27.32 -12.06
C GLY A 308 5.26 25.84 -12.20
N LEU A 309 4.52 25.01 -11.48
CA LEU A 309 4.63 23.58 -11.60
C LEU A 309 3.68 23.09 -12.66
N ASP A 310 4.18 22.24 -13.54
CA ASP A 310 3.37 21.61 -14.59
C ASP A 310 3.17 20.15 -14.20
N LEU A 311 1.96 19.80 -13.83
CA LEU A 311 1.59 18.43 -13.45
C LEU A 311 0.95 17.67 -14.60
N GLY A 312 0.93 18.26 -15.80
CA GLY A 312 0.27 17.69 -16.94
C GLY A 312 1.03 16.60 -17.65
N ARG A 313 2.28 16.37 -17.27
CA ARG A 313 3.06 15.27 -17.80
C ARG A 313 3.00 14.04 -16.92
N ILE A 314 2.43 14.15 -15.71
CA ILE A 314 2.35 12.99 -14.83
C ILE A 314 1.54 11.90 -15.52
N LYS A 315 2.16 10.73 -15.68
CA LYS A 315 1.50 9.62 -16.38
C LYS A 315 0.50 8.92 -15.46
N THR A 316 0.92 8.55 -14.26
CA THR A 316 0.06 7.74 -13.41
C THR A 316 0.36 8.09 -11.97
N ILE A 317 -0.70 8.27 -11.18
CA ILE A 317 -0.60 8.19 -9.73
C ILE A 317 -1.59 7.13 -9.24
N LEU A 318 -1.08 6.00 -8.79
CA LEU A 318 -1.91 4.98 -8.16
C LEU A 318 -2.42 5.49 -6.82
N CYS A 319 -3.68 5.15 -6.52
CA CYS A 319 -4.25 5.32 -5.19
C CYS A 319 -4.64 3.94 -4.70
N GLY A 320 -3.88 3.41 -3.75
CA GLY A 320 -4.17 2.09 -3.21
C GLY A 320 -3.48 1.90 -1.87
N SER A 321 -3.69 0.71 -1.29
CA SER A 321 -3.26 0.20 0.02
C SER A 321 -4.31 0.46 1.08
N GLU A 322 -5.37 1.20 0.76
CA GLU A 322 -6.52 1.38 1.64
C GLU A 322 -7.71 1.83 0.79
N ARG A 323 -8.86 1.96 1.44
CA ARG A 323 -10.09 2.40 0.79
C ARG A 323 -9.88 3.71 0.02
N VAL A 324 -10.32 3.73 -1.24
CA VAL A 324 -10.24 4.91 -2.09
C VAL A 324 -11.57 5.66 -1.98
N HIS A 325 -11.55 6.83 -1.33
CA HIS A 325 -12.75 7.66 -1.11
C HIS A 325 -12.94 8.60 -2.29
N PRO A 326 -14.08 8.58 -2.97
CA PRO A 326 -14.28 9.53 -4.08
C PRO A 326 -14.09 10.99 -3.67
N ALA A 327 -14.39 11.34 -2.42
CA ALA A 327 -14.34 12.74 -2.02
C ALA A 327 -12.91 13.22 -1.86
N THR A 328 -12.01 12.35 -1.42
CA THR A 328 -10.57 12.66 -1.46
C THR A 328 -10.11 12.89 -2.89
N LEU A 329 -10.45 11.97 -3.79
CA LEU A 329 -10.03 12.11 -5.18
C LEU A 329 -10.54 13.42 -5.76
N LYS A 330 -11.78 13.78 -5.43
CA LYS A 330 -12.36 15.00 -5.99
C LYS A 330 -11.64 16.23 -5.45
N ARG A 331 -11.24 16.22 -4.18
CA ARG A 331 -10.52 17.36 -3.64
C ARG A 331 -9.16 17.50 -4.29
N PHE A 332 -8.45 16.38 -4.47
CA PHE A 332 -7.14 16.39 -5.10
C PHE A 332 -7.21 16.96 -6.51
N VAL A 333 -8.19 16.51 -7.31
CA VAL A 333 -8.25 16.96 -8.70
C VAL A 333 -8.72 18.41 -8.78
N ASP A 334 -9.71 18.80 -7.97
CA ASP A 334 -10.13 20.19 -7.91
C ASP A 334 -8.97 21.11 -7.55
N ARG A 335 -8.20 20.74 -6.53
CA ARG A 335 -7.10 21.57 -6.07
C ARG A 335 -5.99 21.68 -7.11
N PHE A 336 -5.69 20.60 -7.82
CA PHE A 336 -4.47 20.57 -8.63
C PHE A 336 -4.73 20.49 -10.13
N SER A 337 -6.00 20.48 -10.56
CA SER A 337 -6.27 20.66 -11.97
C SER A 337 -5.72 21.99 -12.47
N ARG A 338 -5.62 22.98 -11.58
CA ARG A 338 -5.08 24.30 -11.94
C ARG A 338 -3.64 24.20 -12.45
N PHE A 339 -2.88 23.21 -12.01
CA PHE A 339 -1.54 23.00 -12.52
C PHE A 339 -1.51 21.94 -13.60
N ASN A 340 -2.65 21.66 -14.23
CA ASN A 340 -2.81 20.76 -15.37
C ASN A 340 -2.72 19.29 -14.98
N LEU A 341 -2.95 18.94 -13.72
CA LEU A 341 -3.11 17.51 -13.39
C LEU A 341 -4.26 16.96 -14.21
N ARG A 342 -3.95 15.98 -15.06
CA ARG A 342 -4.99 15.30 -15.83
C ARG A 342 -5.65 14.27 -14.93
N GLU A 343 -6.98 14.23 -14.95
CA GLU A 343 -7.66 13.36 -14.00
C GLU A 343 -7.66 11.90 -14.46
N PHE A 344 -7.44 11.62 -15.74
CA PHE A 344 -7.18 10.24 -16.12
C PHE A 344 -5.82 9.76 -15.63
N ALA A 345 -4.96 10.63 -15.10
CA ALA A 345 -3.71 10.15 -14.49
C ALA A 345 -3.93 9.41 -13.18
N ILE A 346 -5.10 9.52 -12.57
CA ILE A 346 -5.32 8.99 -11.24
C ILE A 346 -5.95 7.61 -11.36
N ARG A 347 -5.30 6.60 -10.78
CA ARG A 347 -5.71 5.21 -10.97
C ARG A 347 -5.92 4.54 -9.62
N PRO A 348 -7.15 4.39 -9.16
CA PRO A 348 -7.41 3.51 -8.02
C PRO A 348 -6.82 2.14 -8.29
N ALA A 349 -6.11 1.60 -7.31
CA ALA A 349 -5.48 0.29 -7.47
C ALA A 349 -5.66 -0.53 -6.21
N TYR A 350 -6.13 -1.76 -6.39
CA TYR A 350 -6.41 -2.68 -5.31
C TYR A 350 -5.42 -3.85 -5.37
N GLY A 351 -4.93 -4.24 -4.20
CA GLY A 351 -4.08 -5.42 -4.12
C GLY A 351 -3.64 -5.64 -2.68
N LEU A 352 -2.70 -6.57 -2.51
CA LEU A 352 -2.22 -6.94 -1.18
C LEU A 352 -0.93 -7.73 -1.36
N ALA A 353 -0.15 -7.78 -0.29
CA ALA A 353 1.15 -8.47 -0.30
C ALA A 353 1.01 -9.93 -0.71
N GLU A 354 -0.09 -10.58 -0.38
CA GLU A 354 -0.25 -11.98 -0.75
C GLU A 354 -0.44 -12.15 -2.24
N ALA A 355 -0.70 -11.07 -2.96
CA ALA A 355 -0.74 -11.07 -4.42
C ALA A 355 0.48 -10.40 -5.02
N THR A 356 1.61 -10.38 -4.28
CA THR A 356 2.79 -9.59 -4.62
C THR A 356 2.46 -8.12 -4.45
N VAL A 357 1.67 -7.53 -5.34
CA VAL A 357 1.07 -6.25 -4.96
C VAL A 357 -0.22 -5.95 -5.68
N TYR A 358 -0.31 -6.27 -6.97
CA TYR A 358 -1.43 -5.78 -7.80
C TYR A 358 -2.51 -6.84 -8.00
N VAL A 359 -3.78 -6.41 -7.91
CA VAL A 359 -4.95 -7.24 -8.26
C VAL A 359 -5.82 -6.57 -9.34
N ALA A 360 -6.16 -5.29 -9.17
CA ALA A 360 -7.04 -4.67 -10.15
C ALA A 360 -6.85 -3.16 -10.14
N THR A 361 -7.23 -2.52 -11.25
CA THR A 361 -7.09 -1.07 -11.34
C THR A 361 -8.14 -0.49 -12.30
N SER A 362 -8.26 0.83 -12.25
CA SER A 362 -9.20 1.56 -13.09
C SER A 362 -8.82 1.43 -14.57
N GLN A 363 -9.83 1.62 -15.42
CA GLN A 363 -9.64 1.55 -16.87
C GLN A 363 -8.67 2.64 -17.34
N ALA A 364 -7.62 2.23 -18.06
CA ALA A 364 -6.63 3.19 -18.53
C ALA A 364 -7.25 4.16 -19.52
N GLY A 365 -6.80 5.42 -19.45
CA GLY A 365 -7.30 6.45 -20.33
C GLY A 365 -8.61 7.07 -19.91
N GLN A 366 -9.20 6.62 -18.81
CA GLN A 366 -10.38 7.28 -18.30
C GLN A 366 -10.15 7.72 -16.86
N PRO A 367 -10.85 8.75 -16.39
CA PRO A 367 -10.77 9.10 -14.99
C PRO A 367 -11.46 8.03 -14.16
N PRO A 368 -11.27 8.06 -12.84
CA PRO A 368 -11.92 7.03 -12.00
C PRO A 368 -13.43 7.07 -12.15
N GLU A 369 -14.03 5.88 -12.13
CA GLU A 369 -15.46 5.74 -12.31
C GLU A 369 -16.11 5.47 -10.96
N ILE A 370 -17.16 6.22 -10.63
CA ILE A 370 -17.80 6.15 -9.34
C ILE A 370 -19.22 5.62 -9.50
N ARG A 371 -19.60 4.69 -8.64
CA ARG A 371 -20.95 4.14 -8.62
C ARG A 371 -21.59 4.36 -7.25
N TYR A 372 -22.93 4.37 -7.24
CA TYR A 372 -23.70 4.67 -6.04
C TYR A 372 -24.68 3.56 -5.72
N PHE A 373 -24.80 3.24 -4.43
CA PHE A 373 -25.58 2.12 -3.94
C PHE A 373 -26.36 2.53 -2.70
N GLU A 374 -27.48 1.85 -2.46
CA GLU A 374 -28.31 2.13 -1.29
C GLU A 374 -27.58 1.70 -0.01
N PRO A 375 -27.37 2.59 0.95
CA PRO A 375 -26.57 2.22 2.12
C PRO A 375 -27.21 1.16 2.99
N HIS A 376 -28.52 1.25 3.27
CA HIS A 376 -29.16 0.25 4.11
C HIS A 376 -29.13 -1.12 3.45
N GLU A 377 -29.37 -1.17 2.15
CA GLU A 377 -29.22 -2.42 1.41
C GLU A 377 -27.79 -2.95 1.49
N LEU A 378 -26.81 -2.06 1.39
CA LEU A 378 -25.41 -2.46 1.52
C LEU A 378 -25.15 -3.11 2.86
N SER A 379 -25.58 -2.45 3.96
CA SER A 379 -25.43 -3.03 5.28
C SER A 379 -26.20 -4.33 5.45
N ALA A 380 -27.23 -4.54 4.63
CA ALA A 380 -27.96 -5.80 4.63
C ALA A 380 -27.31 -6.87 3.77
N GLY A 381 -26.23 -6.54 3.07
CA GLY A 381 -25.54 -7.51 2.24
C GLY A 381 -25.83 -7.46 0.76
N GLN A 382 -26.59 -6.46 0.29
CA GLN A 382 -27.04 -6.40 -1.10
C GLN A 382 -26.63 -5.07 -1.72
N ALA A 383 -26.01 -5.14 -2.89
CA ALA A 383 -25.66 -3.92 -3.63
C ALA A 383 -26.80 -3.53 -4.56
N LYS A 384 -27.59 -2.54 -4.16
CA LYS A 384 -28.68 -2.03 -4.99
C LYS A 384 -28.27 -0.68 -5.58
N PRO A 385 -27.99 -0.59 -6.88
CA PRO A 385 -27.59 0.70 -7.45
C PRO A 385 -28.64 1.78 -7.24
N CYS A 386 -28.19 3.02 -7.18
CA CYS A 386 -29.08 4.16 -7.06
C CYS A 386 -28.51 5.32 -7.88
N ALA A 387 -29.13 6.49 -7.72
CA ALA A 387 -28.85 7.61 -8.60
C ALA A 387 -27.59 8.34 -8.17
N THR A 388 -26.94 8.98 -9.14
CA THR A 388 -25.69 9.70 -8.91
C THR A 388 -25.88 10.74 -7.82
N GLY A 389 -25.11 10.58 -6.74
CA GLY A 389 -25.22 11.45 -5.58
C GLY A 389 -26.06 10.89 -4.46
N ALA A 390 -26.89 9.89 -4.73
CA ALA A 390 -27.62 9.23 -3.66
C ALA A 390 -26.74 8.19 -2.99
N GLY A 391 -27.17 7.76 -1.81
CA GLY A 391 -26.58 6.67 -1.08
C GLY A 391 -25.07 6.78 -0.95
N THR A 392 -24.41 5.63 -1.00
CA THR A 392 -22.99 5.53 -0.76
C THR A 392 -22.24 5.40 -2.08
N ALA A 393 -21.12 6.11 -2.18
CA ALA A 393 -20.29 6.13 -3.38
C ALA A 393 -19.13 5.17 -3.21
N LEU A 394 -18.84 4.40 -4.25
CA LEU A 394 -17.71 3.48 -4.25
C LEU A 394 -17.00 3.53 -5.60
N VAL A 395 -15.68 3.46 -5.56
CA VAL A 395 -14.88 3.41 -6.78
C VAL A 395 -15.13 2.10 -7.51
N SER A 396 -15.45 2.18 -8.81
CA SER A 396 -15.58 1.00 -9.67
C SER A 396 -14.21 0.41 -9.97
N TYR A 397 -14.05 -0.90 -9.79
CA TYR A 397 -12.86 -1.59 -10.28
C TYR A 397 -13.25 -2.59 -11.36
N PRO A 398 -12.81 -2.41 -12.61
CA PRO A 398 -13.10 -3.42 -13.64
C PRO A 398 -12.60 -4.80 -13.21
N LEU A 399 -13.43 -5.81 -13.39
CA LEU A 399 -12.98 -7.16 -13.09
C LEU A 399 -11.71 -7.41 -13.89
N PRO A 400 -10.60 -7.70 -13.22
CA PRO A 400 -9.32 -7.81 -13.93
C PRO A 400 -9.30 -9.07 -14.79
N GLN A 401 -8.50 -9.02 -15.86
CA GLN A 401 -8.32 -10.17 -16.74
C GLN A 401 -7.36 -11.18 -16.13
N SER A 402 -6.30 -10.70 -15.49
CA SER A 402 -5.27 -11.46 -14.81
C SER A 402 -4.73 -10.57 -13.69
N PRO A 403 -4.81 -10.98 -12.41
CA PRO A 403 -5.38 -12.23 -11.88
C PRO A 403 -6.92 -12.22 -12.04
N ILE A 404 -7.64 -13.23 -11.55
CA ILE A 404 -9.10 -13.11 -11.61
C ILE A 404 -9.67 -13.00 -10.21
N VAL A 405 -10.82 -12.35 -10.11
CA VAL A 405 -11.46 -12.04 -8.84
C VAL A 405 -12.81 -12.74 -8.82
N ARG A 406 -13.15 -13.29 -7.65
CA ARG A 406 -14.49 -13.79 -7.39
C ARG A 406 -14.94 -13.30 -6.03
N ILE A 407 -16.23 -13.00 -5.90
CA ILE A 407 -16.88 -12.74 -4.63
C ILE A 407 -17.45 -14.05 -4.11
N VAL A 408 -17.06 -14.46 -2.90
CA VAL A 408 -17.32 -15.81 -2.41
C VAL A 408 -17.88 -15.76 -1.00
N ASP A 409 -18.90 -16.58 -0.74
CA ASP A 409 -19.40 -16.70 0.63
C ASP A 409 -18.34 -17.38 1.48
N PRO A 410 -17.81 -16.71 2.52
CA PRO A 410 -16.73 -17.32 3.31
C PRO A 410 -17.19 -18.47 4.20
N ASN A 411 -18.48 -18.67 4.39
CA ASN A 411 -18.96 -19.81 5.16
C ASN A 411 -19.30 -21.02 4.31
N THR A 412 -19.48 -20.85 2.99
CA THR A 412 -19.87 -21.97 2.14
C THR A 412 -18.95 -22.17 0.95
N ASN A 413 -17.87 -21.39 0.82
CA ASN A 413 -16.88 -21.58 -0.24
C ASN A 413 -17.53 -21.62 -1.62
N THR A 414 -18.63 -20.89 -1.78
CA THR A 414 -19.39 -20.84 -3.02
C THR A 414 -19.55 -19.39 -3.44
N GLU A 415 -19.34 -19.13 -4.75
CA GLU A 415 -19.51 -17.81 -5.30
C GLU A 415 -20.89 -17.23 -4.97
N CYS A 416 -20.91 -15.90 -4.66
CA CYS A 416 -22.15 -15.14 -4.48
C CYS A 416 -22.75 -14.76 -5.84
N PRO A 417 -24.07 -14.75 -5.97
CA PRO A 417 -24.69 -14.13 -7.15
C PRO A 417 -24.30 -12.67 -7.23
N PRO A 418 -24.16 -12.11 -8.44
CA PRO A 418 -23.84 -10.69 -8.58
C PRO A 418 -24.68 -9.78 -7.67
N GLY A 419 -24.04 -8.76 -7.10
CA GLY A 419 -24.74 -7.89 -6.20
C GLY A 419 -24.82 -8.39 -4.77
N THR A 420 -24.44 -9.62 -4.49
CA THR A 420 -24.45 -10.14 -3.13
C THR A 420 -23.05 -9.96 -2.54
N ILE A 421 -22.95 -9.39 -1.35
CA ILE A 421 -21.66 -9.07 -0.75
C ILE A 421 -21.05 -10.35 -0.17
N GLY A 422 -19.77 -10.55 -0.43
CA GLY A 422 -19.07 -11.69 0.14
C GLY A 422 -17.60 -11.39 0.25
N GLU A 423 -16.76 -12.42 0.34
CA GLU A 423 -15.32 -12.22 0.46
C GLU A 423 -14.66 -12.21 -0.91
N ILE A 424 -13.71 -11.29 -1.11
CA ILE A 424 -13.00 -11.22 -2.39
C ILE A 424 -11.92 -12.30 -2.39
N TRP A 425 -11.92 -13.14 -3.43
CA TRP A 425 -10.96 -14.21 -3.58
C TRP A 425 -10.19 -13.99 -4.87
N VAL A 426 -8.90 -14.34 -4.86
CA VAL A 426 -8.01 -14.01 -5.97
C VAL A 426 -7.29 -15.28 -6.40
N HIS A 427 -7.16 -15.45 -7.72
CA HIS A 427 -6.41 -16.56 -8.29
C HIS A 427 -5.53 -16.03 -9.42
N GLY A 428 -4.25 -16.40 -9.43
CA GLY A 428 -3.37 -16.03 -10.52
C GLY A 428 -1.94 -16.33 -10.18
N ASP A 429 -1.07 -16.23 -11.19
CA ASP A 429 0.35 -16.54 -11.00
C ASP A 429 1.07 -15.52 -10.12
N ASN A 430 0.49 -14.35 -9.92
CA ASN A 430 1.08 -13.41 -8.98
C ASN A 430 0.76 -13.76 -7.53
N VAL A 431 -0.20 -14.65 -7.30
CA VAL A 431 -0.55 -15.04 -5.93
C VAL A 431 0.59 -15.86 -5.35
N ALA A 432 1.08 -15.45 -4.19
CA ALA A 432 2.22 -16.12 -3.56
C ALA A 432 1.92 -17.57 -3.18
N GLY A 433 3.00 -18.35 -3.06
CA GLY A 433 2.88 -19.74 -2.67
C GLY A 433 2.60 -19.97 -1.21
N GLY A 434 2.78 -18.96 -0.36
CA GLY A 434 2.41 -19.07 1.04
C GLY A 434 3.27 -18.19 1.93
N TYR A 435 3.11 -18.42 3.24
CA TYR A 435 3.88 -17.74 4.28
C TYR A 435 5.04 -18.62 4.71
N TRP A 436 6.22 -18.01 4.84
CA TRP A 436 7.44 -18.75 5.18
C TRP A 436 7.28 -19.58 6.45
N GLU A 437 7.53 -20.89 6.30
CA GLU A 437 7.48 -21.88 7.38
C GLU A 437 6.17 -21.85 8.17
N LYS A 438 5.05 -21.54 7.52
CA LYS A 438 3.74 -21.54 8.17
C LYS A 438 2.74 -22.35 7.34
N PRO A 439 2.86 -23.68 7.37
CA PRO A 439 1.96 -24.51 6.54
C PRO A 439 0.50 -24.26 6.84
N ASP A 440 0.13 -24.23 8.14
CA ASP A 440 -1.27 -24.10 8.52
C ASP A 440 -1.83 -22.74 8.12
N GLU A 441 -1.12 -21.66 8.43
CA GLU A 441 -1.66 -20.36 8.06
C GLU A 441 -1.67 -20.19 6.54
N THR A 442 -0.68 -20.74 5.85
CA THR A 442 -0.69 -20.78 4.40
C THR A 442 -1.96 -21.45 3.88
N GLU A 443 -2.32 -22.57 4.48
CA GLU A 443 -3.50 -23.30 4.01
C GLU A 443 -4.77 -22.51 4.25
N ARG A 444 -4.83 -21.79 5.37
CA ARG A 444 -6.02 -21.01 5.71
C ARG A 444 -6.19 -19.82 4.77
N THR A 445 -5.09 -19.20 4.35
CA THR A 445 -5.15 -17.96 3.57
C THR A 445 -5.05 -18.20 2.07
N PHE A 446 -4.24 -19.19 1.66
CA PHE A 446 -4.02 -19.48 0.25
C PHE A 446 -4.80 -20.69 -0.26
N GLY A 447 -5.43 -21.47 0.61
CA GLY A 447 -6.05 -22.73 0.19
C GLY A 447 -7.54 -22.64 -0.03
N GLY A 448 -8.03 -21.49 -0.49
CA GLY A 448 -9.41 -21.43 -0.90
C GLY A 448 -9.74 -22.42 -2.01
N ALA A 449 -10.78 -23.23 -1.82
CA ALA A 449 -11.28 -24.14 -2.86
C ALA A 449 -12.75 -23.84 -3.11
N LEU A 450 -13.08 -23.60 -4.38
CA LEU A 450 -14.44 -23.21 -4.75
C LEU A 450 -15.33 -24.44 -4.91
N VAL A 451 -16.47 -24.41 -4.25
CA VAL A 451 -17.45 -25.49 -4.32
C VAL A 451 -18.40 -25.22 -5.50
N ALA A 452 -18.53 -26.21 -6.39
CA ALA A 452 -19.31 -26.09 -7.62
C ALA A 452 -18.97 -24.83 -8.41
N PRO A 453 -17.73 -24.71 -8.89
CA PRO A 453 -17.32 -23.47 -9.56
C PRO A 453 -18.24 -23.17 -10.74
N SER A 454 -18.51 -21.88 -10.91
CA SER A 454 -19.15 -21.36 -12.11
C SER A 454 -18.25 -21.64 -13.33
N ALA A 455 -18.84 -21.46 -14.52
CA ALA A 455 -18.15 -21.82 -15.76
C ALA A 455 -16.90 -20.97 -15.97
N GLY A 456 -15.79 -21.63 -16.28
CA GLY A 456 -14.52 -20.97 -16.49
C GLY A 456 -13.76 -20.65 -15.22
N THR A 457 -14.38 -20.81 -14.06
CA THR A 457 -13.79 -20.42 -12.80
C THR A 457 -12.96 -21.57 -12.25
N PRO A 458 -11.66 -21.40 -12.04
CA PRO A 458 -10.85 -22.48 -11.44
C PRO A 458 -11.33 -22.86 -10.04
N VAL A 459 -11.06 -24.12 -9.67
CA VAL A 459 -11.44 -24.59 -8.34
C VAL A 459 -10.54 -24.01 -7.26
N GLY A 460 -9.25 -23.87 -7.54
CA GLY A 460 -8.28 -23.45 -6.55
C GLY A 460 -6.88 -23.41 -7.12
N PRO A 461 -5.89 -23.06 -6.29
CA PRO A 461 -6.08 -22.53 -4.93
C PRO A 461 -6.39 -21.04 -4.98
N TRP A 462 -7.30 -20.58 -4.13
CA TRP A 462 -7.73 -19.18 -4.12
C TRP A 462 -7.10 -18.46 -2.94
N LEU A 463 -6.66 -17.24 -3.17
CA LEU A 463 -6.22 -16.38 -2.07
C LEU A 463 -7.46 -15.72 -1.44
N ARG A 464 -7.66 -15.97 -0.16
CA ARG A 464 -8.76 -15.36 0.59
C ARG A 464 -8.25 -14.03 1.14
N THR A 465 -8.74 -12.90 0.61
CA THR A 465 -8.12 -11.63 0.89
C THR A 465 -8.47 -11.07 2.26
N GLY A 466 -9.55 -11.53 2.90
CA GLY A 466 -10.03 -10.87 4.10
C GLY A 466 -10.82 -9.61 3.84
N ASP A 467 -11.05 -9.25 2.58
CA ASP A 467 -11.80 -8.06 2.21
C ASP A 467 -13.22 -8.43 1.77
N SER A 468 -14.16 -7.56 2.11
CA SER A 468 -15.57 -7.62 1.75
C SER A 468 -15.80 -6.80 0.49
N GLY A 469 -16.59 -7.34 -0.43
CA GLY A 469 -16.83 -6.67 -1.69
C GLY A 469 -17.97 -7.33 -2.44
N PHE A 470 -18.22 -6.81 -3.66
CA PHE A 470 -19.31 -7.33 -4.49
C PHE A 470 -19.05 -6.93 -5.94
N VAL A 471 -19.74 -7.63 -6.82
CA VAL A 471 -19.69 -7.38 -8.25
C VAL A 471 -21.01 -6.74 -8.65
N SER A 472 -20.94 -5.71 -9.47
CA SER A 472 -22.11 -5.16 -10.13
C SER A 472 -21.73 -4.79 -11.55
N GLU A 473 -22.37 -5.40 -12.55
CA GLU A 473 -22.18 -5.03 -13.95
C GLU A 473 -20.74 -5.27 -14.43
N ASP A 474 -20.18 -6.42 -14.05
CA ASP A 474 -18.81 -6.77 -14.44
C ASP A 474 -17.79 -5.71 -13.98
N LYS A 475 -18.09 -5.02 -12.89
CA LYS A 475 -17.09 -4.31 -12.10
C LYS A 475 -17.20 -4.79 -10.67
N PHE A 476 -16.10 -4.78 -9.92
CA PHE A 476 -16.23 -5.11 -8.52
C PHE A 476 -15.82 -3.91 -7.67
N PHE A 477 -16.25 -3.97 -6.41
CA PHE A 477 -16.16 -2.89 -5.44
C PHE A 477 -15.66 -3.45 -4.13
N ILE A 478 -14.98 -2.63 -3.34
CA ILE A 478 -14.37 -3.10 -2.09
C ILE A 478 -14.99 -2.33 -0.92
N ILE A 479 -15.62 -3.07 -0.02
CA ILE A 479 -16.26 -2.43 1.12
C ILE A 479 -15.26 -2.16 2.23
N GLY A 480 -14.43 -3.14 2.55
CA GLY A 480 -13.46 -2.99 3.61
C GLY A 480 -13.02 -4.35 4.11
N ARG A 481 -12.14 -4.30 5.12
CA ARG A 481 -11.64 -5.53 5.76
C ARG A 481 -12.74 -6.10 6.65
N ILE A 482 -12.98 -7.40 6.54
CA ILE A 482 -14.11 -8.05 7.27
C ILE A 482 -13.90 -7.93 8.77
N LYS A 483 -12.70 -8.19 9.23
CA LYS A 483 -12.55 -8.18 10.68
C LYS A 483 -12.68 -6.80 11.28
N ASP A 484 -12.63 -5.73 10.46
CA ASP A 484 -12.84 -4.37 10.93
C ASP A 484 -14.28 -3.90 10.77
N LEU A 485 -15.19 -4.75 10.29
CA LEU A 485 -16.57 -4.32 10.10
C LEU A 485 -17.30 -4.27 11.44
N LEU A 486 -18.28 -3.36 11.51
CA LEU A 486 -19.14 -3.25 12.68
C LEU A 486 -20.48 -3.90 12.37
N ILE A 487 -20.75 -5.04 13.00
CA ILE A 487 -22.01 -5.74 12.82
C ILE A 487 -22.94 -5.32 13.95
N VAL A 488 -24.06 -4.71 13.57
CA VAL A 488 -25.08 -4.31 14.53
C VAL A 488 -26.41 -4.83 14.01
N TYR A 489 -27.02 -5.74 14.78
CA TYR A 489 -28.33 -6.31 14.45
C TYR A 489 -28.32 -6.99 13.08
N GLY A 490 -27.37 -7.91 12.90
CA GLY A 490 -27.21 -8.62 11.64
C GLY A 490 -26.74 -7.80 10.46
N ARG A 491 -26.59 -6.48 10.60
CA ARG A 491 -26.16 -5.62 9.51
C ARG A 491 -24.67 -5.30 9.64
N ASN A 492 -23.95 -5.37 8.52
CA ASN A 492 -22.53 -5.01 8.47
C ASN A 492 -22.37 -3.55 8.09
N HIS A 493 -21.63 -2.80 8.90
CA HIS A 493 -21.32 -1.39 8.56
C HIS A 493 -19.81 -1.26 8.34
N SER A 494 -19.39 -0.36 7.46
CA SER A 494 -17.95 -0.25 7.14
C SER A 494 -17.30 0.92 7.87
N PRO A 495 -16.14 0.68 8.53
CA PRO A 495 -15.44 1.74 9.25
C PRO A 495 -15.09 2.91 8.33
N ASP A 496 -14.73 2.62 7.08
CA ASP A 496 -14.34 3.66 6.14
C ASP A 496 -15.48 4.64 5.90
N ASP A 497 -16.73 4.14 5.86
CA ASP A 497 -17.86 5.04 5.64
C ASP A 497 -18.17 5.86 6.88
N ILE A 498 -18.16 5.24 8.07
CA ILE A 498 -18.42 6.00 9.29
C ILE A 498 -17.36 7.08 9.46
N GLU A 499 -16.12 6.76 9.12
CA GLU A 499 -15.03 7.71 9.34
C GLU A 499 -15.17 8.91 8.42
N ALA A 500 -15.54 8.69 7.15
CA ALA A 500 -15.90 9.80 6.27
C ALA A 500 -16.96 10.68 6.89
N THR A 501 -18.00 10.08 7.48
CA THR A 501 -19.02 10.86 8.16
C THR A 501 -18.42 11.75 9.25
N ILE A 502 -17.55 11.18 10.08
CA ILE A 502 -16.90 11.98 11.11
C ILE A 502 -15.89 12.92 10.47
N GLN A 503 -15.07 12.38 9.59
CA GLN A 503 -13.93 13.13 9.09
C GLN A 503 -14.34 14.41 8.38
N GLU A 504 -15.62 14.54 7.98
CA GLU A 504 -16.06 15.78 7.36
C GLU A 504 -16.33 16.88 8.37
N ILE A 505 -16.76 16.53 9.58
CA ILE A 505 -17.00 17.58 10.58
C ILE A 505 -15.74 17.89 11.34
N THR A 506 -14.95 16.86 11.64
CA THR A 506 -13.70 17.01 12.35
C THR A 506 -12.56 17.57 11.48
N ARG A 507 -12.48 17.15 10.21
CA ARG A 507 -11.33 17.35 9.33
C ARG A 507 -10.02 16.84 9.91
N GLY A 508 -10.02 16.35 11.15
CA GLY A 508 -8.91 15.57 11.65
C GLY A 508 -9.07 14.10 11.31
N ARG A 509 -8.14 13.28 11.81
CA ARG A 509 -8.18 11.85 11.58
C ARG A 509 -9.23 11.18 12.49
N CYS A 510 -9.53 9.92 12.14
CA CYS A 510 -10.67 9.16 12.64
C CYS A 510 -10.26 7.74 12.94
N ALA A 511 -11.11 7.04 13.71
CA ALA A 511 -11.12 5.58 13.68
C ALA A 511 -12.45 5.06 14.21
N ALA A 512 -13.20 4.35 13.36
CA ALA A 512 -14.46 3.72 13.75
C ALA A 512 -14.22 2.25 14.01
N ILE A 513 -14.40 1.82 15.27
CA ILE A 513 -14.01 0.50 15.70
C ILE A 513 -15.17 -0.17 16.40
N ALA A 514 -15.08 -1.48 16.52
CA ALA A 514 -16.12 -2.28 17.15
C ALA A 514 -15.55 -2.86 18.43
N VAL A 515 -16.25 -2.67 19.54
CA VAL A 515 -15.80 -3.20 20.82
C VAL A 515 -16.85 -4.16 21.32
N PRO A 516 -16.51 -5.43 21.47
CA PRO A 516 -17.50 -6.40 21.92
C PRO A 516 -17.84 -6.17 23.37
N SER A 517 -19.11 -6.33 23.70
CA SER A 517 -19.55 -6.27 25.08
C SER A 517 -20.81 -7.09 25.21
N ASN A 518 -20.79 -8.08 26.11
CA ASN A 518 -21.93 -8.94 26.39
C ASN A 518 -22.59 -9.42 25.11
N GLY A 519 -21.76 -9.91 24.19
CA GLY A 519 -22.28 -10.67 23.05
C GLY A 519 -22.74 -9.88 21.85
N VAL A 520 -22.54 -8.57 21.83
CA VAL A 520 -22.78 -7.75 20.64
C VAL A 520 -21.55 -6.88 20.44
N GLU A 521 -21.52 -6.16 19.32
CA GLU A 521 -20.46 -5.19 19.05
C GLU A 521 -20.99 -3.78 19.28
N LYS A 522 -20.19 -2.96 19.94
CA LYS A 522 -20.55 -1.57 20.19
C LYS A 522 -19.63 -0.66 19.38
N LEU A 523 -20.20 0.41 18.85
CA LEU A 523 -19.45 1.39 18.06
C LEU A 523 -18.73 2.37 18.97
N VAL A 524 -17.42 2.49 18.76
CA VAL A 524 -16.58 3.47 19.43
C VAL A 524 -15.83 4.25 18.35
N ALA A 525 -15.73 5.56 18.52
CA ALA A 525 -15.12 6.45 17.54
C ALA A 525 -13.96 7.19 18.19
N ILE A 526 -12.73 6.85 17.80
CA ILE A 526 -11.54 7.60 18.20
C ILE A 526 -11.37 8.78 17.24
N VAL A 527 -11.36 10.00 17.79
CA VAL A 527 -11.47 11.20 16.97
C VAL A 527 -10.35 12.17 17.35
N GLU A 528 -9.45 12.45 16.40
CA GLU A 528 -8.41 13.45 16.59
C GLU A 528 -8.95 14.85 16.32
N LEU A 529 -8.38 15.82 17.01
CA LEU A 529 -8.97 17.15 17.16
C LEU A 529 -7.86 18.11 17.57
N ASN A 530 -8.02 19.40 17.29
CA ASN A 530 -6.94 20.34 17.56
C ASN A 530 -7.11 21.09 18.89
N ASN A 531 -6.03 21.11 19.68
CA ASN A 531 -6.11 21.55 21.08
C ASN A 531 -5.99 23.06 21.24
N ARG A 532 -5.30 23.73 20.31
CA ARG A 532 -5.05 25.15 20.43
C ARG A 532 -6.35 25.97 20.52
N ASP A 536 -12.34 24.97 24.26
CA ASP A 536 -13.15 25.19 25.45
C ASP A 536 -14.09 24.02 25.70
N THR A 537 -14.95 24.09 26.71
CA THR A 537 -15.83 22.97 27.00
C THR A 537 -17.03 22.93 26.05
N GLU A 538 -17.41 24.09 25.51
CA GLU A 538 -18.61 24.14 24.65
C GLU A 538 -18.28 23.57 23.26
N ARG A 539 -17.33 24.15 22.55
CA ARG A 539 -17.05 23.67 21.18
C ARG A 539 -16.90 22.15 21.23
N LEU A 540 -16.30 21.67 22.29
CA LEU A 540 -16.08 20.22 22.44
C LEU A 540 -17.44 19.54 22.47
N SER A 541 -18.43 20.18 23.07
CA SER A 541 -19.74 19.57 23.05
C SER A 541 -20.53 19.89 21.80
N PHE A 542 -20.13 20.91 21.04
CA PHE A 542 -20.64 21.05 19.69
C PHE A 542 -20.19 19.86 18.84
N VAL A 543 -18.89 19.56 18.87
CA VAL A 543 -18.33 18.49 18.03
C VAL A 543 -18.91 17.14 18.43
N THR A 544 -18.98 16.88 19.73
CA THR A 544 -19.59 15.63 20.20
C THR A 544 -21.02 15.51 19.68
N ARG A 545 -21.84 16.54 19.92
CA ARG A 545 -23.20 16.56 19.39
C ARG A 545 -23.21 16.36 17.88
N GLU A 546 -22.36 17.12 17.18
CA GLU A 546 -22.34 17.09 15.73
C GLU A 546 -22.01 15.70 15.20
N VAL A 547 -20.89 15.14 15.64
CA VAL A 547 -20.43 13.85 15.12
C VAL A 547 -21.42 12.75 15.49
N THR A 548 -21.89 12.75 16.74
CA THR A 548 -22.85 11.73 17.18
C THR A 548 -24.10 11.75 16.30
N SER A 549 -24.64 12.93 16.03
CA SER A 549 -25.83 13.01 15.20
C SER A 549 -25.53 12.59 13.76
N ALA A 550 -24.40 13.03 13.22
CA ALA A 550 -24.07 12.69 11.84
C ALA A 550 -23.97 11.18 11.66
N ILE A 551 -23.36 10.48 12.63
CA ILE A 551 -23.29 9.03 12.54
C ILE A 551 -24.69 8.43 12.61
N SER A 552 -25.52 8.97 13.50
CA SER A 552 -26.86 8.44 13.67
C SER A 552 -27.71 8.75 12.44
N THR A 553 -27.65 9.98 11.94
CA THR A 553 -28.49 10.34 10.79
C THR A 553 -27.98 9.76 9.47
N SER A 554 -26.70 9.45 9.35
CA SER A 554 -26.17 8.90 8.11
C SER A 554 -25.83 7.42 8.16
N HIS A 555 -26.00 6.75 9.31
CA HIS A 555 -25.68 5.34 9.40
C HIS A 555 -26.70 4.56 10.24
N GLY A 556 -27.63 5.24 10.90
CA GLY A 556 -28.53 4.58 11.83
C GLY A 556 -27.85 3.94 13.01
N LEU A 557 -26.71 4.45 13.43
CA LEU A 557 -25.94 3.86 14.52
C LEU A 557 -25.89 4.81 15.70
N SER A 558 -25.91 4.25 16.91
CA SER A 558 -25.63 5.02 18.12
C SER A 558 -24.17 4.84 18.46
N VAL A 559 -23.48 5.93 18.73
CA VAL A 559 -22.09 5.84 19.13
C VAL A 559 -22.04 5.57 20.64
N SER A 560 -21.44 4.44 21.00
CA SER A 560 -21.33 4.13 22.42
C SER A 560 -20.29 5.00 23.10
N ASP A 561 -19.26 5.40 22.38
CA ASP A 561 -18.22 6.18 23.04
C ASP A 561 -17.47 6.97 22.00
N LEU A 562 -17.39 8.27 22.22
CA LEU A 562 -16.65 9.21 21.37
C LEU A 562 -15.42 9.64 22.14
N VAL A 563 -14.26 9.19 21.70
CA VAL A 563 -13.00 9.41 22.41
C VAL A 563 -12.27 10.54 21.70
N LEU A 564 -12.40 11.74 22.24
CA LEU A 564 -11.76 12.92 21.64
C LEU A 564 -10.33 12.99 22.13
N VAL A 565 -9.37 12.77 21.22
CA VAL A 565 -7.96 12.75 21.57
C VAL A 565 -7.19 13.83 20.82
N ALA A 566 -5.89 13.97 21.15
CA ALA A 566 -4.98 14.94 20.57
C ALA A 566 -4.43 14.43 19.22
N PRO A 567 -4.08 15.35 18.31
CA PRO A 567 -3.51 14.91 17.03
C PRO A 567 -2.33 13.97 17.26
N GLY A 568 -2.28 12.89 16.48
CA GLY A 568 -1.22 11.91 16.63
C GLY A 568 -1.49 10.79 17.63
N SER A 569 -2.61 10.81 18.35
CA SER A 569 -2.94 9.71 19.26
C SER A 569 -3.40 8.47 18.49
N ILE A 570 -4.12 8.65 17.39
CA ILE A 570 -4.52 7.46 16.64
C ILE A 570 -3.30 6.87 15.96
N PRO A 571 -2.98 5.59 16.20
CA PRO A 571 -1.88 4.96 15.47
C PRO A 571 -2.09 5.05 13.96
N ILE A 572 -0.98 5.23 13.22
CA ILE A 572 -0.99 5.32 11.75
C ILE A 572 0.29 4.68 11.22
N THR A 573 0.20 4.15 9.98
CA THR A 573 1.31 3.57 9.20
C THR A 573 2.42 4.61 8.98
N THR A 574 3.54 4.18 8.39
CA THR A 574 4.60 5.15 8.02
C THR A 574 4.01 6.00 6.90
N SER A 575 3.20 5.38 6.05
CA SER A 575 2.53 6.11 4.96
C SER A 575 1.35 6.91 5.53
N GLY A 576 0.93 6.64 6.77
CA GLY A 576 -0.11 7.42 7.47
C GLY A 576 -1.50 6.82 7.56
N LYS A 577 -1.63 5.49 7.53
CA LYS A 577 -2.97 4.88 7.51
C LYS A 577 -3.36 4.36 8.89
N VAL A 578 -4.62 4.58 9.31
CA VAL A 578 -5.05 4.14 10.64
C VAL A 578 -4.91 2.65 10.86
N ARG A 579 -4.65 2.25 12.12
CA ARG A 579 -4.52 0.85 12.55
C ARG A 579 -5.73 0.56 13.43
N ARG A 580 -6.74 -0.14 12.88
CA ARG A 580 -8.02 -0.25 13.57
C ARG A 580 -8.01 -1.32 14.67
N ALA A 581 -7.38 -2.47 14.41
CA ALA A 581 -7.24 -3.48 15.47
C ALA A 581 -6.40 -2.97 16.63
N GLU A 582 -5.43 -2.07 16.38
CA GLU A 582 -4.67 -1.49 17.47
C GLU A 582 -5.55 -0.58 18.29
N CYS A 583 -6.20 0.38 17.62
CA CYS A 583 -7.15 1.30 18.23
C CYS A 583 -8.10 0.58 19.18
N VAL A 584 -8.51 -0.64 18.80
CA VAL A 584 -9.42 -1.40 19.66
C VAL A 584 -8.79 -1.67 21.01
N LYS A 585 -7.68 -2.40 21.06
CA LYS A 585 -7.21 -2.80 22.38
C LYS A 585 -6.54 -1.67 23.16
N LEU A 586 -6.10 -0.60 22.49
CA LEU A 586 -5.75 0.62 23.21
C LEU A 586 -6.96 1.17 23.95
N TYR A 587 -8.12 1.20 23.27
CA TYR A 587 -9.36 1.57 23.94
C TYR A 587 -9.68 0.62 25.07
N ARG A 588 -9.50 -0.68 24.84
CA ARG A 588 -9.87 -1.68 25.83
C ARG A 588 -8.91 -1.72 27.02
N HIS A 589 -7.65 -1.32 26.83
CA HIS A 589 -6.72 -1.18 27.93
C HIS A 589 -6.60 0.27 28.40
N ASN A 590 -7.60 1.10 28.11
CA ASN A 590 -7.73 2.47 28.65
C ASN A 590 -6.47 3.30 28.44
N GLU A 591 -5.88 3.19 27.26
CA GLU A 591 -4.61 3.84 26.95
C GLU A 591 -4.78 5.19 26.26
N PHE A 592 -6.00 5.65 26.04
CA PHE A 592 -6.26 6.93 25.40
C PHE A 592 -6.51 8.01 26.46
N THR A 593 -5.97 9.20 26.19
CA THR A 593 -6.18 10.35 27.08
C THR A 593 -7.17 11.26 26.38
N ARG A 594 -8.28 11.57 27.02
CA ARG A 594 -9.35 12.32 26.36
C ARG A 594 -9.23 13.81 26.64
N LEU A 595 -9.49 14.63 25.64
CA LEU A 595 -9.49 16.08 25.83
C LEU A 595 -10.70 16.43 26.69
N ASP A 596 -11.46 15.43 27.14
CA ASP A 596 -12.62 15.64 28.01
C ASP A 596 -13.67 16.43 27.25
C1 PLM B . -1.17 -3.40 -0.13
O1 PLM B . -2.30 -2.93 0.11
O2 PLM B . -0.55 -4.18 0.67
C2 PLM B . -0.57 -3.00 -1.47
C3 PLM B . -1.62 -3.26 -2.55
C4 PLM B . -2.16 -2.05 -3.28
C5 PLM B . -1.16 -1.63 -4.37
C6 PLM B . -1.79 -1.52 -5.74
C7 PLM B . -0.68 -1.60 -6.79
C8 PLM B . 0.61 -0.95 -6.30
C9 PLM B . 1.74 -1.25 -7.30
CA PLM B . 3.06 -0.61 -6.91
CB PLM B . 4.07 -1.08 -7.97
CC PLM B . 3.71 -0.55 -9.36
CD PLM B . 4.91 -0.46 -10.32
CE PLM B . 4.44 -0.24 -11.75
CF PLM B . 5.59 -0.19 -12.75
CG PLM B . 5.22 0.52 -14.05
PG ANP C . -5.06 -2.36 5.59
O1G ANP C . -5.28 -3.00 6.86
O2G ANP C . -6.19 -2.64 4.66
O3G ANP C . -5.06 -0.90 5.80
PB ANP C . -2.33 -3.80 5.68
O1B ANP C . -1.18 -2.85 5.90
O2B ANP C . -2.84 -4.31 6.96
N3B ANP C . -3.53 -2.92 4.83
PA ANP C . -1.26 -4.86 3.28
O1A ANP C . -1.03 -6.10 2.41
O2A ANP C . -0.04 -4.03 3.28
O3A ANP C . -1.76 -5.07 4.82
O5' ANP C . -2.54 -4.14 2.54
C5' ANP C . -3.53 -5.09 2.07
C4' ANP C . -4.90 -4.58 2.36
O4' ANP C . -4.97 -3.31 2.14
C3' ANP C . -5.98 -5.21 1.32
O3' ANP C . -6.43 -6.33 1.77
C2' ANP C . -7.12 -4.22 1.44
O2' ANP C . -7.77 -4.46 2.77
C1' ANP C . -6.51 -3.01 1.51
N9 ANP C . -6.47 -2.39 0.27
C8 ANP C . -5.41 -2.26 -0.53
N7 ANP C . -5.73 -1.54 -1.62
C5 ANP C . -7.04 -1.18 -1.51
C6 ANP C . -7.96 -0.45 -2.31
N6 ANP C . -7.54 0.11 -3.55
N1 ANP C . -9.21 -0.30 -1.90
C2 ANP C . -9.63 -0.84 -0.73
N3 ANP C . -8.81 -1.53 0.04
C4 ANP C . -7.49 -1.73 -0.32
#